data_5JCR
#
_entry.id   5JCR
#
_cell.length_a   62.980
_cell.length_b   68.950
_cell.length_c   95.600
_cell.angle_alpha   90.00
_cell.angle_beta   90.00
_cell.angle_gamma   90.00
#
_symmetry.space_group_name_H-M   'P 21 21 21'
#
loop_
_entity.id
_entity.type
_entity.pdbx_description
1 polymer 'Protein FimH'
2 non-polymer 'methyl alpha-D-mannopyranoside'
3 water water
#
_entity_poly.entity_id   1
_entity_poly.type   'polypeptide(L)'
_entity_poly.pdbx_seq_one_letter_code
;FACKTANGTAIPIGGGSANVYVNLAPVVNVGQNLVVDLSTQIFCHNDYPETITDYVTLQRGSAYGGVLSNFSGTVKYSGS
SYPFPTTSETPRVVYNSRTDKPWPVALYLTPVSSAGGVAIKAGSLIAVLILRQTNNYNSDDFQFVWNIYANNDVVVPT
;
_entity_poly.pdbx_strand_id   A,B
#
loop_
_chem_comp.id
_chem_comp.type
_chem_comp.name
_chem_comp.formula
MMA D-saccharide 'methyl alpha-D-mannopyranoside' 'C7 H14 O6'
#
# COMPACT_ATOMS: atom_id res chain seq x y z
N PHE A 1 -6.57 -18.08 -16.48
CA PHE A 1 -6.46 -16.69 -15.96
C PHE A 1 -7.64 -15.86 -16.41
N ALA A 2 -8.29 -15.20 -15.47
CA ALA A 2 -9.39 -14.30 -15.79
C ALA A 2 -9.50 -13.24 -14.72
N CYS A 3 -10.26 -12.19 -15.02
CA CYS A 3 -10.40 -11.06 -14.13
C CYS A 3 -11.86 -10.66 -13.97
N LYS A 4 -12.15 -9.96 -12.89
CA LYS A 4 -13.49 -9.44 -12.67
C LYS A 4 -13.42 -8.15 -11.86
N THR A 5 -14.48 -7.37 -11.93
CA THR A 5 -14.53 -6.14 -11.16
C THR A 5 -15.25 -6.34 -9.84
N ALA A 6 -15.19 -5.32 -8.98
CA ALA A 6 -15.87 -5.38 -7.69
C ALA A 6 -17.36 -5.66 -7.83
N ASN A 7 -17.98 -5.12 -8.88
CA ASN A 7 -19.41 -5.33 -9.10
C ASN A 7 -19.71 -6.60 -9.88
N GLY A 8 -18.67 -7.32 -10.27
CA GLY A 8 -18.83 -8.64 -10.87
C GLY A 8 -18.75 -8.68 -12.39
N THR A 9 -18.38 -7.57 -13.02
CA THR A 9 -18.17 -7.58 -14.46
C THR A 9 -16.91 -8.38 -14.75
N ALA A 10 -17.02 -9.38 -15.61
CA ALA A 10 -15.92 -10.31 -15.83
C ALA A 10 -15.29 -10.14 -17.20
N ILE A 11 -13.99 -10.38 -17.26
CA ILE A 11 -13.30 -10.64 -18.51
C ILE A 11 -12.74 -12.06 -18.41
N PRO A 12 -13.15 -12.95 -19.32
CA PRO A 12 -12.79 -14.36 -19.16
C PRO A 12 -11.41 -14.73 -19.72
N ILE A 13 -11.07 -16.01 -19.58
CA ILE A 13 -9.92 -16.60 -20.23
C ILE A 13 -9.83 -16.11 -21.67
N GLY A 14 -8.66 -15.62 -22.07
CA GLY A 14 -8.44 -15.15 -23.43
C GLY A 14 -8.53 -13.65 -23.56
N GLY A 15 -8.98 -12.98 -22.51
CA GLY A 15 -9.04 -11.53 -22.49
C GLY A 15 -10.31 -10.95 -23.09
N GLY A 16 -10.28 -9.64 -23.28
CA GLY A 16 -11.45 -8.90 -23.71
C GLY A 16 -11.41 -7.53 -23.05
N SER A 17 -12.58 -6.93 -22.87
CA SER A 17 -12.65 -5.59 -22.31
C SER A 17 -13.83 -5.45 -21.34
N ALA A 18 -13.70 -4.48 -20.44
CA ALA A 18 -14.78 -4.18 -19.50
C ALA A 18 -14.73 -2.73 -19.10
N ASN A 19 -15.88 -2.21 -18.68
CA ASN A 19 -15.96 -0.86 -18.16
C ASN A 19 -15.90 -0.88 -16.65
N VAL A 20 -15.14 0.06 -16.09
CA VAL A 20 -14.98 0.21 -14.65
C VAL A 20 -15.37 1.62 -14.27
N TYR A 21 -16.33 1.73 -13.36
CA TYR A 21 -16.86 3.03 -12.96
C TYR A 21 -16.35 3.34 -11.56
N VAL A 22 -15.65 4.47 -11.45
CA VAL A 22 -14.95 4.81 -10.23
C VAL A 22 -15.47 6.10 -9.60
N ASN A 23 -15.62 6.07 -8.29
CA ASN A 23 -15.92 7.27 -7.53
C ASN A 23 -14.63 8.05 -7.33
N LEU A 24 -14.71 9.36 -7.49
CA LEU A 24 -13.55 10.24 -7.38
C LEU A 24 -13.78 11.29 -6.31
N ALA A 25 -12.72 11.70 -5.64
CA ALA A 25 -12.80 12.83 -4.71
C ALA A 25 -13.42 14.01 -5.45
N PRO A 26 -14.46 14.62 -4.86
CA PRO A 26 -15.21 15.65 -5.60
C PRO A 26 -14.47 16.98 -5.72
N VAL A 27 -13.53 17.23 -4.83
CA VAL A 27 -12.74 18.46 -4.83
C VAL A 27 -11.27 18.13 -4.64
N VAL A 28 -10.43 18.58 -5.58
CA VAL A 28 -8.99 18.33 -5.53
C VAL A 28 -8.25 19.62 -5.84
N ASN A 29 -7.44 20.08 -4.89
CA ASN A 29 -6.70 21.32 -5.08
C ASN A 29 -5.42 21.12 -5.86
N VAL A 30 -4.98 22.17 -6.54
CA VAL A 30 -3.64 22.20 -7.08
C VAL A 30 -2.69 21.92 -5.93
N GLY A 31 -1.75 21.01 -6.16
CA GLY A 31 -0.80 20.62 -5.13
C GLY A 31 -1.21 19.34 -4.41
N GLN A 32 -2.42 18.86 -4.71
CA GLN A 32 -2.93 17.61 -4.13
C GLN A 32 -3.05 16.52 -5.18
N ASN A 33 -3.08 15.28 -4.72
CA ASN A 33 -3.34 14.13 -5.60
C ASN A 33 -4.78 13.68 -5.59
N LEU A 34 -5.32 13.46 -6.78
CA LEU A 34 -6.50 12.64 -6.97
C LEU A 34 -6.01 11.21 -7.16
N VAL A 35 -6.41 10.32 -6.25
CA VAL A 35 -5.98 8.93 -6.30
C VAL A 35 -7.11 8.05 -6.82
N VAL A 36 -6.83 7.31 -7.88
CA VAL A 36 -7.74 6.32 -8.42
C VAL A 36 -7.09 4.95 -8.22
N ASP A 37 -7.47 4.28 -7.14
CA ASP A 37 -6.86 3.00 -6.75
C ASP A 37 -7.67 1.85 -7.31
N LEU A 38 -7.22 1.27 -8.42
CA LEU A 38 -7.98 0.24 -9.10
C LEU A 38 -7.86 -1.12 -8.40
N SER A 39 -6.96 -1.24 -7.44
CA SER A 39 -6.77 -2.50 -6.74
C SER A 39 -8.00 -2.86 -5.90
N THR A 40 -8.89 -1.90 -5.66
CA THR A 40 -10.13 -2.18 -4.94
C THR A 40 -11.27 -2.54 -5.88
N GLN A 41 -11.02 -2.47 -7.19
CA GLN A 41 -12.07 -2.71 -8.17
C GLN A 41 -11.72 -3.72 -9.25
N ILE A 42 -10.45 -4.10 -9.39
CA ILE A 42 -10.05 -5.10 -10.38
C ILE A 42 -9.28 -6.25 -9.72
N PHE A 43 -9.77 -7.47 -9.93
CA PHE A 43 -9.21 -8.66 -9.30
C PHE A 43 -8.99 -9.75 -10.36
N CYS A 44 -7.90 -10.50 -10.23
CA CYS A 44 -7.59 -11.58 -11.16
C CYS A 44 -7.15 -12.83 -10.42
N HIS A 45 -7.08 -13.94 -11.14
CA HIS A 45 -6.61 -15.18 -10.54
C HIS A 45 -6.07 -16.12 -11.60
N ASN A 46 -5.28 -17.08 -11.12
CA ASN A 46 -4.68 -18.13 -11.93
C ASN A 46 -5.59 -19.36 -11.90
N ASP A 47 -5.98 -19.88 -13.05
CA ASP A 47 -6.89 -21.03 -13.11
C ASP A 47 -6.21 -22.40 -12.99
N TYR A 48 -4.88 -22.43 -12.97
CA TYR A 48 -4.15 -23.70 -12.98
C TYR A 48 -2.79 -23.57 -12.30
N PRO A 49 -2.78 -23.07 -11.05
CA PRO A 49 -1.51 -22.79 -10.35
C PRO A 49 -0.72 -24.05 -10.05
N GLU A 50 -1.35 -25.21 -10.15
CA GLU A 50 -0.66 -26.49 -9.96
C GLU A 50 0.44 -26.70 -10.99
N THR A 51 0.29 -26.09 -12.16
CA THR A 51 1.16 -26.35 -13.29
C THR A 51 1.69 -25.08 -13.93
N ILE A 52 0.92 -24.00 -13.85
CA ILE A 52 1.21 -22.78 -14.58
C ILE A 52 1.46 -21.58 -13.66
N THR A 53 2.41 -20.75 -14.06
CA THR A 53 2.61 -19.44 -13.47
C THR A 53 2.17 -18.37 -14.47
N ASP A 54 1.30 -17.47 -14.03
CA ASP A 54 0.85 -16.37 -14.86
C ASP A 54 1.66 -15.11 -14.60
N TYR A 55 1.93 -14.36 -15.65
CA TYR A 55 2.66 -13.11 -15.57
C TYR A 55 1.77 -11.98 -16.04
N VAL A 56 1.71 -10.90 -15.26
CA VAL A 56 0.77 -9.81 -15.53
C VAL A 56 1.46 -8.46 -15.45
N THR A 57 1.36 -7.69 -16.53
CA THR A 57 1.91 -6.36 -16.60
C THR A 57 0.81 -5.34 -16.86
N LEU A 58 1.11 -4.08 -16.55
CA LEU A 58 0.40 -2.95 -17.13
C LEU A 58 1.12 -2.64 -18.43
N GLN A 59 0.54 -3.08 -19.55
CA GLN A 59 1.18 -2.90 -20.83
C GLN A 59 1.15 -1.44 -21.24
N ARG A 60 0.01 -0.81 -20.98
CA ARG A 60 -0.20 0.57 -21.40
C ARG A 60 -1.30 1.20 -20.55
N GLY A 61 -1.13 2.47 -20.26
CA GLY A 61 -2.16 3.26 -19.62
C GLY A 61 -2.29 4.58 -20.37
N SER A 62 -3.50 4.88 -20.82
CA SER A 62 -3.77 6.09 -21.59
C SER A 62 -4.73 6.95 -20.83
N ALA A 63 -4.57 8.27 -20.95
CA ALA A 63 -5.46 9.23 -20.30
C ALA A 63 -6.41 9.84 -21.34
N TYR A 64 -7.62 10.17 -20.88
CA TYR A 64 -8.64 10.75 -21.75
C TYR A 64 -9.36 11.89 -21.05
N GLY A 65 -10.07 12.69 -21.86
CA GLY A 65 -10.91 13.74 -21.34
C GLY A 65 -10.20 14.68 -20.39
N GLY A 66 -10.81 14.89 -19.24
CA GLY A 66 -10.29 15.82 -18.25
C GLY A 66 -8.95 15.42 -17.63
N VAL A 67 -8.70 14.12 -17.53
CA VAL A 67 -7.43 13.67 -16.96
C VAL A 67 -6.32 14.02 -17.94
N LEU A 68 -6.56 13.79 -19.22
CA LEU A 68 -5.59 14.16 -20.25
C LEU A 68 -5.34 15.67 -20.30
N SER A 69 -6.40 16.46 -20.13
CA SER A 69 -6.29 17.91 -20.27
C SER A 69 -5.79 18.63 -19.00
N ASN A 70 -6.20 18.14 -17.83
CA ASN A 70 -6.09 18.94 -16.62
C ASN A 70 -5.22 18.36 -15.50
N PHE A 71 -4.62 17.20 -15.73
CA PHE A 71 -3.83 16.54 -14.68
C PHE A 71 -2.47 16.07 -15.14
N SER A 72 -1.54 16.06 -14.18
CA SER A 72 -0.22 15.50 -14.36
C SER A 72 -0.20 14.16 -13.62
N GLY A 73 0.07 13.09 -14.35
CA GLY A 73 -0.20 11.75 -13.85
C GLY A 73 1.01 10.87 -13.58
N THR A 74 0.82 10.03 -12.57
CA THR A 74 1.75 8.98 -12.21
C THR A 74 0.93 7.72 -11.99
N VAL A 75 1.46 6.56 -12.40
CA VAL A 75 0.82 5.29 -12.09
C VAL A 75 1.75 4.48 -11.21
N LYS A 76 1.19 3.94 -10.13
CA LYS A 76 1.91 3.06 -9.24
C LYS A 76 1.48 1.63 -9.54
N TYR A 77 2.44 0.78 -9.89
CA TYR A 77 2.17 -0.62 -10.16
C TYR A 77 3.01 -1.49 -9.26
N SER A 78 2.34 -2.24 -8.39
CA SER A 78 3.01 -3.17 -7.49
C SER A 78 4.18 -2.50 -6.76
N GLY A 79 3.96 -1.28 -6.30
CA GLY A 79 4.92 -0.60 -5.44
C GLY A 79 5.88 0.36 -6.13
N SER A 80 5.92 0.36 -7.46
CA SER A 80 6.82 1.26 -8.19
C SER A 80 6.03 2.27 -9.02
N SER A 81 6.56 3.48 -9.12
CA SER A 81 5.88 4.56 -9.83
C SER A 81 6.45 4.81 -11.22
N TYR A 82 5.56 5.12 -12.16
CA TYR A 82 5.93 5.39 -13.54
C TYR A 82 5.07 6.53 -14.08
N PRO A 83 5.53 7.17 -15.18
CA PRO A 83 4.70 8.21 -15.79
C PRO A 83 3.36 7.66 -16.28
N PHE A 84 2.33 8.48 -16.19
CA PHE A 84 1.01 8.19 -16.75
C PHE A 84 0.49 9.44 -17.44
N PRO A 85 0.10 9.35 -18.73
CA PRO A 85 0.14 8.21 -19.66
C PRO A 85 1.51 7.54 -19.73
N THR A 86 1.50 6.23 -19.96
CA THR A 86 2.69 5.42 -19.77
C THR A 86 3.64 5.48 -20.95
N THR A 87 4.91 5.21 -20.66
CA THR A 87 5.96 5.27 -21.68
C THR A 87 6.65 3.92 -21.89
N SER A 88 6.29 2.93 -21.07
CA SER A 88 6.80 1.58 -21.23
C SER A 88 5.93 0.58 -20.50
N GLU A 89 5.96 -0.66 -20.96
CA GLU A 89 5.32 -1.75 -20.25
C GLU A 89 6.02 -1.96 -18.91
N THR A 90 5.24 -2.20 -17.87
CA THR A 90 5.79 -2.41 -16.53
C THR A 90 6.46 -3.78 -16.42
N PRO A 91 7.20 -3.99 -15.32
CA PRO A 91 7.60 -5.36 -14.97
C PRO A 91 6.39 -6.24 -14.69
N ARG A 92 6.59 -7.55 -14.69
CA ARG A 92 5.51 -8.48 -14.42
C ARG A 92 5.23 -8.68 -12.93
N VAL A 93 3.95 -8.86 -12.62
CA VAL A 93 3.51 -9.34 -11.33
C VAL A 93 3.10 -10.80 -11.55
N VAL A 94 3.56 -11.66 -10.66
CA VAL A 94 3.25 -13.08 -10.75
C VAL A 94 1.88 -13.36 -10.15
N TYR A 95 1.06 -14.10 -10.88
CA TYR A 95 -0.19 -14.64 -10.37
C TYR A 95 -0.07 -16.15 -10.32
N ASN A 96 -0.13 -16.70 -9.11
CA ASN A 96 0.16 -18.10 -8.88
C ASN A 96 -0.83 -18.73 -7.91
N SER A 97 -2.01 -18.14 -7.79
CA SER A 97 -3.04 -18.65 -6.91
C SER A 97 -4.40 -18.56 -7.57
N ARG A 98 -5.27 -19.49 -7.19
CA ARG A 98 -6.64 -19.50 -7.66
C ARG A 98 -7.49 -18.49 -6.87
N THR A 99 -6.97 -18.09 -5.70
CA THR A 99 -7.62 -17.06 -4.90
C THR A 99 -7.44 -15.71 -5.58
N ASP A 100 -8.54 -14.95 -5.69
CA ASP A 100 -8.46 -13.62 -6.30
C ASP A 100 -7.39 -12.76 -5.65
N LYS A 101 -6.62 -12.09 -6.49
CA LYS A 101 -5.65 -11.10 -6.02
C LYS A 101 -5.93 -9.79 -6.75
N PRO A 102 -5.89 -8.66 -6.02
CA PRO A 102 -6.07 -7.38 -6.71
C PRO A 102 -5.03 -7.14 -7.80
N TRP A 103 -5.42 -6.39 -8.82
CA TRP A 103 -4.49 -5.87 -9.80
C TRP A 103 -3.91 -4.58 -9.21
N PRO A 104 -2.63 -4.59 -8.84
CA PRO A 104 -2.09 -3.51 -8.00
C PRO A 104 -1.77 -2.23 -8.78
N VAL A 105 -2.80 -1.62 -9.35
CA VAL A 105 -2.68 -0.40 -10.13
C VAL A 105 -3.38 0.77 -9.43
N ALA A 106 -2.68 1.88 -9.27
CA ALA A 106 -3.28 3.11 -8.76
C ALA A 106 -2.77 4.29 -9.57
N LEU A 107 -3.69 5.17 -9.96
CA LEU A 107 -3.32 6.42 -10.62
C LEU A 107 -3.23 7.54 -9.60
N TYR A 108 -2.19 8.35 -9.72
CA TYR A 108 -2.02 9.54 -8.92
C TYR A 108 -2.03 10.75 -9.84
N LEU A 109 -3.08 11.55 -9.74
CA LEU A 109 -3.34 12.61 -10.70
C LEU A 109 -3.39 13.94 -9.98
N THR A 110 -2.45 14.84 -10.29
CA THR A 110 -2.41 16.13 -9.64
C THR A 110 -2.71 17.23 -10.66
N PRO A 111 -3.53 18.23 -10.25
CA PRO A 111 -3.92 19.21 -11.28
C PRO A 111 -2.76 20.03 -11.82
N VAL A 112 -2.80 20.30 -13.11
CA VAL A 112 -1.84 21.22 -13.72
C VAL A 112 -2.29 22.63 -13.36
N SER A 113 -1.37 23.58 -13.50
CA SER A 113 -1.63 24.94 -13.06
C SER A 113 -2.81 25.58 -13.79
N SER A 114 -3.03 25.19 -15.04
CA SER A 114 -4.13 25.75 -15.82
C SER A 114 -5.48 25.17 -15.44
N ALA A 115 -5.48 24.10 -14.65
CA ALA A 115 -6.72 23.43 -14.29
C ALA A 115 -7.55 24.29 -13.35
N GLY A 116 -8.87 24.21 -13.50
CA GLY A 116 -9.77 24.99 -12.67
C GLY A 116 -11.21 24.76 -13.06
N GLY A 117 -12.07 24.61 -12.06
CA GLY A 117 -13.48 24.37 -12.30
C GLY A 117 -13.70 22.88 -12.43
N VAL A 118 -14.66 22.49 -13.27
CA VAL A 118 -14.96 21.08 -13.45
C VAL A 118 -13.87 20.47 -14.32
N ALA A 119 -12.96 19.76 -13.66
CA ALA A 119 -11.75 19.26 -14.31
C ALA A 119 -11.95 17.85 -14.84
N ILE A 120 -12.92 17.15 -14.26
CA ILE A 120 -13.37 15.85 -14.78
C ILE A 120 -14.89 15.82 -14.76
N LYS A 121 -15.50 15.51 -15.90
CA LYS A 121 -16.96 15.43 -15.97
C LYS A 121 -17.49 14.05 -15.58
N ALA A 122 -18.59 14.05 -14.83
CA ALA A 122 -19.28 12.81 -14.48
C ALA A 122 -19.62 12.01 -15.72
N GLY A 123 -19.36 10.70 -15.65
CA GLY A 123 -19.68 9.80 -16.74
C GLY A 123 -18.64 9.73 -17.84
N SER A 124 -17.60 10.57 -17.77
CA SER A 124 -16.62 10.63 -18.84
C SER A 124 -15.56 9.53 -18.69
N LEU A 125 -15.03 9.11 -19.84
CA LEU A 125 -13.86 8.23 -19.87
C LEU A 125 -12.63 8.98 -19.40
N ILE A 126 -11.92 8.44 -18.41
CA ILE A 126 -10.72 9.07 -17.89
C ILE A 126 -9.44 8.30 -18.19
N ALA A 127 -9.56 6.99 -18.42
CA ALA A 127 -8.37 6.19 -18.71
C ALA A 127 -8.72 4.87 -19.38
N VAL A 128 -7.76 4.33 -20.11
CA VAL A 128 -7.81 2.96 -20.60
C VAL A 128 -6.53 2.30 -20.11
N LEU A 129 -6.69 1.20 -19.38
CA LEU A 129 -5.55 0.46 -18.85
C LEU A 129 -5.54 -0.92 -19.47
N ILE A 130 -4.41 -1.29 -20.06
CA ILE A 130 -4.27 -2.59 -20.69
C ILE A 130 -3.45 -3.51 -19.80
N LEU A 131 -4.12 -4.55 -19.33
CA LEU A 131 -3.49 -5.63 -18.58
C LEU A 131 -3.06 -6.69 -19.58
N ARG A 132 -1.78 -7.02 -19.59
CA ARG A 132 -1.27 -8.06 -20.48
C ARG A 132 -0.86 -9.29 -19.69
N GLN A 133 -1.45 -10.44 -20.04
CA GLN A 133 -1.21 -11.69 -19.33
C GLN A 133 -0.51 -12.70 -20.22
N THR A 134 0.60 -13.22 -19.73
CA THR A 134 1.33 -14.30 -20.37
C THR A 134 1.53 -15.38 -19.32
N ASN A 135 2.26 -16.44 -19.66
CA ASN A 135 2.54 -17.49 -18.68
C ASN A 135 3.85 -18.22 -18.99
N ASN A 136 4.14 -19.24 -18.20
CA ASN A 136 5.35 -20.05 -18.38
C ASN A 136 5.01 -21.41 -18.97
N TYR A 137 3.89 -21.49 -19.67
CA TYR A 137 3.34 -22.77 -20.10
C TYR A 137 3.17 -22.88 -21.62
N ASN A 138 2.64 -21.83 -22.23
CA ASN A 138 2.40 -21.82 -23.67
C ASN A 138 2.59 -20.42 -24.24
N SER A 139 2.06 -20.18 -25.44
CA SER A 139 2.27 -18.92 -26.14
C SER A 139 1.20 -17.87 -25.85
N ASP A 140 0.33 -18.14 -24.88
CA ASP A 140 -0.77 -17.23 -24.58
C ASP A 140 -0.28 -15.81 -24.29
N ASP A 141 -0.93 -14.85 -24.93
CA ASP A 141 -0.55 -13.45 -24.80
C ASP A 141 -1.83 -12.64 -24.97
N PHE A 142 -2.48 -12.36 -23.85
CA PHE A 142 -3.86 -11.87 -23.84
C PHE A 142 -3.93 -10.47 -23.26
N GLN A 143 -4.84 -9.66 -23.81
CA GLN A 143 -5.06 -8.32 -23.30
C GLN A 143 -6.41 -8.21 -22.60
N PHE A 144 -6.37 -7.74 -21.37
CA PHE A 144 -7.57 -7.45 -20.60
C PHE A 144 -7.68 -5.93 -20.53
N VAL A 145 -8.63 -5.37 -21.26
CA VAL A 145 -8.70 -3.93 -21.44
C VAL A 145 -9.73 -3.31 -20.51
N TRP A 146 -9.28 -2.39 -19.67
CA TRP A 146 -10.13 -1.77 -18.67
C TRP A 146 -10.40 -0.32 -19.01
N ASN A 147 -11.64 -0.03 -19.38
CA ASN A 147 -12.07 1.31 -19.67
C ASN A 147 -12.60 1.95 -18.40
N ILE A 148 -11.89 2.98 -17.93
CA ILE A 148 -12.19 3.61 -16.64
C ILE A 148 -13.02 4.88 -16.81
N TYR A 149 -14.19 4.89 -16.17
CA TYR A 149 -15.12 6.01 -16.26
C TYR A 149 -15.35 6.69 -14.91
N ALA A 150 -15.45 8.01 -14.94
CA ALA A 150 -15.76 8.79 -13.74
C ALA A 150 -17.23 8.70 -13.38
N ASN A 151 -17.52 8.47 -12.11
CA ASN A 151 -18.90 8.44 -11.62
C ASN A 151 -19.42 9.82 -11.29
N ASN A 152 -18.51 10.77 -11.10
CA ASN A 152 -18.90 12.10 -10.63
C ASN A 152 -17.96 13.19 -11.14
N ASP A 153 -18.44 14.42 -11.09
CA ASP A 153 -17.61 15.59 -11.37
C ASP A 153 -16.45 15.68 -10.38
N VAL A 154 -15.32 16.19 -10.84
CA VAL A 154 -14.24 16.59 -9.95
C VAL A 154 -13.97 18.06 -10.18
N VAL A 155 -14.06 18.84 -9.12
CA VAL A 155 -13.81 20.28 -9.18
C VAL A 155 -12.42 20.59 -8.66
N VAL A 156 -11.68 21.38 -9.42
CA VAL A 156 -10.41 21.94 -8.97
C VAL A 156 -10.67 23.40 -8.58
N PRO A 157 -10.62 23.72 -7.28
CA PRO A 157 -10.90 25.11 -6.87
C PRO A 157 -9.99 26.15 -7.53
N THR A 158 -10.54 27.34 -7.75
CA THR A 158 -9.79 28.44 -8.36
C THR A 158 -9.60 29.57 -7.35
N PHE B 1 6.00 -18.03 5.60
CA PHE B 1 5.93 -16.58 5.92
C PHE B 1 7.14 -16.16 6.74
N ALA B 2 7.82 -15.12 6.28
CA ALA B 2 8.94 -14.56 7.02
C ALA B 2 9.08 -13.08 6.72
N CYS B 3 9.88 -12.40 7.54
CA CYS B 3 10.06 -10.96 7.44
C CYS B 3 11.53 -10.58 7.53
N LYS B 4 11.88 -9.41 7.01
CA LYS B 4 13.24 -8.90 7.13
C LYS B 4 13.20 -7.38 7.17
N THR B 5 14.27 -6.76 7.66
CA THR B 5 14.32 -5.31 7.69
C THR B 5 15.04 -4.77 6.46
N ALA B 6 15.02 -3.45 6.28
CA ALA B 6 15.69 -2.81 5.17
C ALA B 6 17.17 -3.17 5.11
N ASN B 7 17.81 -3.31 6.28
CA ASN B 7 19.22 -3.66 6.33
C ASN B 7 19.49 -5.17 6.27
N GLY B 8 18.43 -5.97 6.18
CA GLY B 8 18.58 -7.39 5.96
C GLY B 8 18.48 -8.28 7.19
N THR B 9 18.12 -7.70 8.33
CA THR B 9 17.89 -8.48 9.54
C THR B 9 16.60 -9.29 9.39
N ALA B 10 16.70 -10.59 9.59
CA ALA B 10 15.60 -11.49 9.30
C ALA B 10 14.94 -12.05 10.54
N ILE B 11 13.63 -12.25 10.45
CA ILE B 11 12.92 -13.13 11.38
C ILE B 11 12.33 -14.22 10.51
N PRO B 12 12.69 -15.48 10.77
CA PRO B 12 12.32 -16.57 9.87
C PRO B 12 10.93 -17.14 10.11
N ILE B 13 10.58 -18.13 9.30
CA ILE B 13 9.40 -18.94 9.52
C ILE B 13 9.28 -19.33 10.99
N GLY B 14 8.11 -19.10 11.58
CA GLY B 14 7.87 -19.45 12.97
C GLY B 14 7.99 -18.27 13.90
N GLY B 15 8.48 -17.15 13.39
CA GLY B 15 8.56 -15.93 14.18
C GLY B 15 9.83 -15.81 14.99
N GLY B 16 9.82 -14.82 15.88
CA GLY B 16 11.00 -14.45 16.64
C GLY B 16 11.00 -12.95 16.84
N SER B 17 12.20 -12.38 17.00
CA SER B 17 12.32 -10.95 17.24
C SER B 17 13.52 -10.35 16.51
N ALA B 18 13.45 -9.05 16.27
CA ALA B 18 14.56 -8.33 15.66
C ALA B 18 14.53 -6.88 16.12
N ASN B 19 15.69 -6.24 16.06
CA ASN B 19 15.81 -4.82 16.37
C ASN B 19 15.75 -3.99 15.10
N VAL B 20 15.04 -2.88 15.17
CA VAL B 20 14.89 -1.96 14.06
C VAL B 20 15.34 -0.57 14.51
N TYR B 21 16.32 -0.01 13.82
CA TYR B 21 16.90 1.26 14.19
C TYR B 21 16.42 2.32 13.22
N VAL B 22 15.74 3.35 13.74
CA VAL B 22 15.07 4.33 12.89
C VAL B 22 15.64 5.73 13.07
N ASN B 23 15.80 6.42 11.94
CA ASN B 23 16.13 7.83 11.97
C ASN B 23 14.87 8.62 12.24
N LEU B 24 14.98 9.62 13.10
CA LEU B 24 13.85 10.43 13.52
C LEU B 24 14.13 11.90 13.21
N ALA B 25 13.08 12.64 12.88
CA ALA B 25 13.19 14.09 12.71
C ALA B 25 13.83 14.65 13.98
N PRO B 26 14.90 15.45 13.83
CA PRO B 26 15.64 15.89 15.02
C PRO B 26 14.92 16.95 15.85
N VAL B 27 13.99 17.65 15.23
CA VAL B 27 13.25 18.71 15.91
C VAL B 27 11.77 18.58 15.59
N VAL B 28 10.96 18.48 16.64
CA VAL B 28 9.52 18.32 16.48
C VAL B 28 8.83 19.26 17.45
N ASN B 29 8.04 20.19 16.92
CA ASN B 29 7.33 21.15 17.75
C ASN B 29 6.05 20.59 18.31
N VAL B 30 5.63 21.11 19.46
N VAL B 30 5.62 21.14 19.44
CA VAL B 30 4.28 20.88 19.93
CA VAL B 30 4.28 20.92 19.92
C VAL B 30 3.34 21.31 18.81
C VAL B 30 3.35 21.29 18.78
N GLY B 31 2.35 20.46 18.51
CA GLY B 31 1.41 20.72 17.45
C GLY B 31 1.79 20.03 16.15
N GLN B 32 2.98 19.42 16.11
CA GLN B 32 3.46 18.70 14.93
C GLN B 32 3.53 17.21 15.22
N ASN B 33 3.54 16.40 14.16
CA ASN B 33 3.75 14.96 14.27
C ASN B 33 5.19 14.55 14.01
N LEU B 34 5.71 13.70 14.88
CA LEU B 34 6.89 12.90 14.58
C LEU B 34 6.37 11.61 13.94
N VAL B 35 6.77 11.36 12.69
CA VAL B 35 6.29 10.19 11.98
C VAL B 35 7.38 9.14 11.93
N VAL B 36 7.05 7.94 12.39
CA VAL B 36 7.92 6.78 12.29
C VAL B 36 7.24 5.79 11.36
N ASP B 37 7.63 5.80 10.09
CA ASP B 37 6.99 4.99 9.07
C ASP B 37 7.76 3.69 8.88
N LEU B 38 7.27 2.61 9.50
CA LEU B 38 7.98 1.35 9.48
C LEU B 38 7.80 0.62 8.15
N SER B 39 6.90 1.12 7.30
CA SER B 39 6.67 0.46 6.02
C SER B 39 7.88 0.54 5.10
N THR B 40 8.83 1.43 5.40
CA THR B 40 10.07 1.51 4.64
C THR B 40 11.19 0.65 5.23
N GLN B 41 10.93 0.03 6.38
CA GLN B 41 11.97 -0.73 7.07
C GLN B 41 11.58 -2.16 7.43
N ILE B 42 10.30 -2.50 7.35
CA ILE B 42 9.87 -3.89 7.62
C ILE B 42 9.07 -4.45 6.45
N PHE B 43 9.52 -5.60 5.95
CA PHE B 43 8.90 -6.24 4.79
C PHE B 43 8.66 -7.73 5.10
N CYS B 44 7.58 -8.29 4.59
CA CYS B 44 7.30 -9.71 4.79
C CYS B 44 6.87 -10.33 3.47
N HIS B 45 6.74 -11.64 3.46
CA HIS B 45 6.24 -12.31 2.28
C HIS B 45 5.66 -13.67 2.63
N ASN B 46 4.85 -14.18 1.70
CA ASN B 46 4.21 -15.48 1.78
C ASN B 46 5.10 -16.50 1.06
N ASP B 47 5.45 -17.60 1.74
CA ASP B 47 6.33 -18.62 1.16
C ASP B 47 5.62 -19.67 0.29
N TYR B 48 4.29 -19.65 0.26
CA TYR B 48 3.53 -20.69 -0.43
C TYR B 48 2.19 -20.15 -0.92
N PRO B 49 2.24 -19.06 -1.71
CA PRO B 49 1.00 -18.40 -2.13
C PRO B 49 0.15 -19.27 -3.07
N GLU B 50 0.75 -20.31 -3.63
CA GLU B 50 0.04 -21.24 -4.49
C GLU B 50 -1.09 -21.95 -3.76
N THR B 51 -0.94 -22.07 -2.44
CA THR B 51 -1.85 -22.89 -1.63
C THR B 51 -2.38 -22.15 -0.42
N ILE B 52 -1.58 -21.21 0.11
CA ILE B 52 -1.87 -20.57 1.39
C ILE B 52 -2.08 -19.06 1.29
N THR B 53 -3.03 -18.56 2.06
CA THR B 53 -3.17 -17.12 2.31
C THR B 53 -2.70 -16.84 3.73
N ASP B 54 -1.79 -15.89 3.86
CA ASP B 54 -1.31 -15.46 5.17
C ASP B 54 -2.08 -14.24 5.65
N TYR B 55 -2.34 -14.20 6.95
CA TYR B 55 -3.03 -13.09 7.59
C TYR B 55 -2.12 -12.42 8.60
N VAL B 56 -2.05 -11.10 8.56
CA VAL B 56 -1.09 -10.36 9.37
C VAL B 56 -1.73 -9.17 10.07
N THR B 57 -1.60 -9.13 11.39
CA THR B 57 -2.11 -8.02 12.18
C THR B 57 -0.99 -7.34 12.95
N LEU B 58 -1.27 -6.11 13.38
CA LEU B 58 -0.55 -5.51 14.48
C LEU B 58 -1.26 -5.95 15.74
N GLN B 59 -0.71 -6.94 16.42
CA GLN B 59 -1.37 -7.50 17.60
C GLN B 59 -1.32 -6.52 18.75
N ARG B 60 -0.17 -5.88 18.88
CA ARG B 60 0.08 -4.96 19.98
C ARG B 60 1.20 -4.00 19.60
N GLY B 61 1.07 -2.77 20.07
CA GLY B 61 2.13 -1.79 19.96
C GLY B 61 2.28 -1.12 21.30
N SER B 62 3.50 -1.16 21.84
CA SER B 62 3.79 -0.58 23.14
C SER B 62 4.78 0.55 22.98
N ALA B 63 4.65 1.57 23.82
CA ALA B 63 5.55 2.72 23.81
C ALA B 63 6.52 2.64 24.99
N TYR B 64 7.73 3.15 24.77
CA TYR B 64 8.78 3.12 25.78
C TYR B 64 9.56 4.42 25.83
N GLY B 65 10.28 4.61 26.93
CA GLY B 65 11.18 5.72 27.10
C GLY B 65 10.51 7.06 26.84
N GLY B 66 11.13 7.87 26.01
CA GLY B 66 10.65 9.20 25.72
C GLY B 66 9.32 9.24 25.00
N VAL B 67 9.03 8.22 24.20
CA VAL B 67 7.76 8.19 23.49
C VAL B 67 6.62 7.95 24.48
N LEU B 68 6.84 7.04 25.44
CA LEU B 68 5.84 6.81 26.48
C LEU B 68 5.63 8.06 27.34
N SER B 69 6.70 8.79 27.63
CA SER B 69 6.64 9.94 28.53
C SER B 69 6.18 11.25 27.88
N ASN B 70 6.59 11.48 26.63
CA ASN B 70 6.51 12.83 26.06
C ASN B 70 5.63 12.98 24.83
N PHE B 71 5.00 11.90 24.40
CA PHE B 71 4.22 11.93 23.17
C PHE B 71 2.83 11.34 23.29
N SER B 72 1.93 11.88 22.48
CA SER B 72 0.58 11.35 22.31
C SER B 72 0.53 10.66 20.96
N GLY B 73 0.22 9.37 20.97
CA GLY B 73 0.44 8.52 19.81
C GLY B 73 -0.79 7.95 19.13
N THR B 74 -0.66 7.79 17.82
CA THR B 74 -1.63 7.05 17.01
C THR B 74 -0.83 6.15 16.10
N VAL B 75 -1.35 4.98 15.80
CA VAL B 75 -0.72 4.11 14.83
C VAL B 75 -1.65 3.96 13.65
N LYS B 76 -1.11 4.11 12.45
CA LYS B 76 -1.85 3.88 11.23
C LYS B 76 -1.45 2.51 10.70
N TYR B 77 -2.43 1.63 10.55
CA TYR B 77 -2.19 0.30 10.01
C TYR B 77 -3.07 0.09 8.79
N SER B 78 -2.43 -0.08 7.65
CA SER B 78 -3.12 -0.36 6.40
C SER B 78 -4.30 0.58 6.15
N GLY B 79 -4.08 1.87 6.37
CA GLY B 79 -5.05 2.90 6.01
C GLY B 79 -5.96 3.38 7.12
N SER B 80 -5.96 2.68 8.26
CA SER B 80 -6.81 3.04 9.40
C SER B 80 -5.98 3.43 10.61
N SER B 81 -6.47 4.38 11.40
CA SER B 81 -5.76 4.87 12.58
C SER B 81 -6.35 4.35 13.88
N TYR B 82 -5.47 4.07 14.83
CA TYR B 82 -5.83 3.56 16.14
C TYR B 82 -4.96 4.18 17.22
N PRO B 83 -5.40 4.13 18.48
CA PRO B 83 -4.54 4.64 19.56
C PRO B 83 -3.22 3.90 19.65
N PHE B 84 -2.16 4.62 20.01
CA PHE B 84 -0.87 4.01 20.30
C PHE B 84 -0.31 4.65 21.56
N PRO B 85 0.06 3.84 22.58
CA PRO B 85 -0.02 2.38 22.70
C PRO B 85 -1.41 1.81 22.43
N THR B 86 -1.43 0.60 21.89
CA THR B 86 -2.64 0.04 21.31
C THR B 86 -3.59 -0.53 22.34
N THR B 87 -4.87 -0.57 21.97
CA THR B 87 -5.94 -1.04 22.85
C THR B 87 -6.64 -2.27 22.29
N SER B 88 -6.32 -2.63 21.06
CA SER B 88 -6.87 -3.85 20.46
C SER B 88 -6.04 -4.28 19.27
N GLU B 89 -6.11 -5.57 18.96
CA GLU B 89 -5.51 -6.11 17.75
C GLU B 89 -6.21 -5.52 16.53
N THR B 90 -5.42 -5.17 15.52
CA THR B 90 -5.96 -4.60 14.29
C THR B 90 -6.65 -5.67 13.45
N PRO B 91 -7.39 -5.23 12.42
CA PRO B 91 -7.81 -6.18 11.38
C PRO B 91 -6.63 -6.82 10.67
N ARG B 92 -6.89 -7.90 9.94
CA ARG B 92 -5.86 -8.62 9.21
C ARG B 92 -5.52 -7.98 7.88
N VAL B 93 -4.24 -7.99 7.53
CA VAL B 93 -3.79 -7.68 6.18
C VAL B 93 -3.38 -8.99 5.52
N VAL B 94 -3.83 -9.19 4.28
CA VAL B 94 -3.48 -10.40 3.54
C VAL B 94 -2.12 -10.31 2.88
N TYR B 95 -1.32 -11.35 3.06
CA TYR B 95 -0.07 -11.51 2.32
C TYR B 95 -0.22 -12.72 1.42
N ASN B 96 -0.13 -12.49 0.11
CA ASN B 96 -0.49 -13.48 -0.89
C ASN B 96 0.52 -13.55 -2.02
N SER B 97 1.73 -13.08 -1.75
CA SER B 97 2.80 -13.09 -2.74
C SER B 97 4.13 -13.43 -2.10
N ARG B 98 5.01 -14.02 -2.90
CA ARG B 98 6.36 -14.34 -2.50
C ARG B 98 7.24 -13.08 -2.56
N THR B 99 6.77 -12.08 -3.28
CA THR B 99 7.46 -10.79 -3.36
C THR B 99 7.33 -10.04 -2.04
N ASP B 100 8.44 -9.51 -1.54
CA ASP B 100 8.44 -8.73 -0.32
C ASP B 100 7.40 -7.61 -0.43
N LYS B 101 6.59 -7.46 0.63
CA LYS B 101 5.62 -6.39 0.73
C LYS B 101 5.85 -5.62 2.03
N PRO B 102 5.71 -4.29 2.01
CA PRO B 102 5.86 -3.60 3.29
C PRO B 102 4.84 -4.04 4.35
N TRP B 103 5.25 -3.96 5.61
CA TRP B 103 4.33 -4.06 6.72
C TRP B 103 3.77 -2.66 6.95
N PRO B 104 2.47 -2.46 6.65
CA PRO B 104 2.01 -1.07 6.56
C PRO B 104 1.72 -0.40 7.92
N VAL B 105 2.77 -0.23 8.72
CA VAL B 105 2.68 0.39 10.05
C VAL B 105 3.41 1.72 10.09
N ALA B 106 2.73 2.75 10.58
CA ALA B 106 3.36 4.04 10.80
C ALA B 106 2.88 4.60 12.13
N LEU B 107 3.82 5.10 12.94
CA LEU B 107 3.47 5.79 14.18
C LEU B 107 3.43 7.28 13.96
N TYR B 108 2.40 7.93 14.50
CA TYR B 108 2.29 9.38 14.50
C TYR B 108 2.31 9.86 15.94
N LEU B 109 3.39 10.54 16.30
CA LEU B 109 3.66 10.89 17.69
C LEU B 109 3.75 12.39 17.80
N THR B 110 2.83 12.99 18.55
CA THR B 110 2.82 14.45 18.70
C THR B 110 3.15 14.78 20.15
N PRO B 111 4.01 15.79 20.38
CA PRO B 111 4.43 16.05 21.76
C PRO B 111 3.28 16.47 22.68
N VAL B 112 3.32 15.97 23.91
CA VAL B 112 2.40 16.46 24.91
C VAL B 112 2.89 17.81 25.40
N SER B 113 1.99 18.56 26.03
CA SER B 113 2.29 19.94 26.41
C SER B 113 3.47 20.02 27.38
N SER B 114 3.65 18.99 28.19
CA SER B 114 4.74 18.97 29.17
C SER B 114 6.09 18.66 28.51
N ALA B 115 6.07 18.22 27.26
CA ALA B 115 7.29 17.83 26.57
C ALA B 115 8.13 19.08 26.26
N GLY B 116 9.43 18.92 26.34
CA GLY B 116 10.36 20.00 26.06
C GLY B 116 11.77 19.53 26.26
N GLY B 117 12.66 19.92 25.34
CA GLY B 117 14.05 19.52 25.42
C GLY B 117 14.24 18.20 24.70
N VAL B 118 15.17 17.38 25.20
CA VAL B 118 15.45 16.10 24.59
C VAL B 118 14.34 15.13 24.96
N ALA B 119 13.41 14.92 24.04
CA ALA B 119 12.19 14.16 24.33
C ALA B 119 12.35 12.69 23.96
N ILE B 120 13.29 12.40 23.06
CA ILE B 120 13.68 11.02 22.76
C ILE B 120 15.20 10.97 22.73
N LYS B 121 15.77 10.05 23.50
CA LYS B 121 17.23 9.90 23.55
C LYS B 121 17.74 8.98 22.45
N ALA B 122 18.87 9.38 21.86
CA ALA B 122 19.55 8.56 20.87
C ALA B 122 19.84 7.19 21.44
N GLY B 123 19.58 6.16 20.64
CA GLY B 123 19.86 4.79 21.04
C GLY B 123 18.78 4.14 21.90
N SER B 124 17.77 4.91 22.31
CA SER B 124 16.77 4.40 23.24
C SER B 124 15.68 3.60 22.54
N LEU B 125 15.13 2.64 23.27
CA LEU B 125 13.94 1.92 22.85
C LEU B 125 12.74 2.86 22.88
N ILE B 126 12.03 2.96 21.75
CA ILE B 126 10.86 3.82 21.67
C ILE B 126 9.56 3.03 21.51
N ALA B 127 9.65 1.81 20.98
CA ALA B 127 8.45 1.01 20.81
C ALA B 127 8.75 -0.47 20.63
N VAL B 128 7.75 -1.28 20.95
CA VAL B 128 7.75 -2.69 20.60
C VAL B 128 6.45 -2.97 19.84
N LEU B 129 6.58 -3.49 18.62
CA LEU B 129 5.44 -3.79 17.77
C LEU B 129 5.36 -5.28 17.51
N ILE B 130 4.21 -5.88 17.80
CA ILE B 130 4.04 -7.30 17.62
C ILE B 130 3.21 -7.57 16.37
N LEU B 131 3.87 -8.20 15.41
CA LEU B 131 3.23 -8.66 14.19
C LEU B 131 2.78 -10.08 14.44
N ARG B 132 1.48 -10.34 14.27
CA ARG B 132 0.93 -11.68 14.44
C ARG B 132 0.50 -12.26 13.11
N GLN B 133 1.06 -13.42 12.78
CA GLN B 133 0.80 -14.06 11.49
C GLN B 133 0.05 -15.39 11.67
N THR B 134 -1.06 -15.51 10.95
CA THR B 134 -1.83 -16.73 10.88
C THR B 134 -2.03 -17.05 9.41
N ASN B 135 -2.80 -18.07 9.09
CA ASN B 135 -3.09 -18.40 7.70
C ASN B 135 -4.43 -19.12 7.56
N ASN B 136 -4.75 -19.55 6.34
CA ASN B 136 -5.98 -20.28 6.06
C ASN B 136 -5.70 -21.76 5.81
N TYR B 137 -4.58 -22.24 6.34
CA TYR B 137 -4.07 -23.56 5.98
C TYR B 137 -3.94 -24.51 7.17
N ASN B 138 -3.41 -23.99 8.27
CA ASN B 138 -3.20 -24.79 9.48
C ASN B 138 -3.37 -23.93 10.72
N SER B 139 -2.85 -24.40 11.85
CA SER B 139 -3.06 -23.72 13.13
C SER B 139 -1.94 -22.74 13.48
N ASP B 140 -1.05 -22.44 12.53
CA ASP B 140 0.08 -21.56 12.79
C ASP B 140 -0.36 -20.20 13.33
N ASP B 141 0.30 -19.76 14.39
CA ASP B 141 -0.03 -18.52 15.07
C ASP B 141 1.27 -17.99 15.65
N PHE B 142 1.95 -17.14 14.88
CA PHE B 142 3.34 -16.77 15.14
C PHE B 142 3.47 -15.29 15.43
N GLN B 143 4.40 -14.96 16.32
CA GLN B 143 4.67 -13.57 16.65
C GLN B 143 6.03 -13.14 16.14
N PHE B 144 6.01 -12.06 15.38
CA PHE B 144 7.21 -11.42 14.89
C PHE B 144 7.35 -10.10 15.66
N VAL B 145 8.31 -10.07 16.57
CA VAL B 145 8.44 -8.96 17.52
C VAL B 145 9.50 -7.96 17.06
N TRP B 146 9.09 -6.72 16.87
CA TRP B 146 9.98 -5.68 16.37
C TRP B 146 10.27 -4.66 17.45
N ASN B 147 11.51 -4.67 17.92
CA ASN B 147 11.98 -3.72 18.90
C ASN B 147 12.52 -2.50 18.17
N ILE B 148 11.86 -1.36 18.34
CA ILE B 148 12.18 -0.14 17.59
C ILE B 148 13.06 0.80 18.43
N TYR B 149 14.22 1.14 17.88
CA TYR B 149 15.20 2.00 18.56
C TYR B 149 15.44 3.30 17.80
N ALA B 150 15.58 4.40 18.54
CA ALA B 150 15.93 5.69 17.97
C ALA B 150 17.41 5.77 17.63
N ASN B 151 17.72 6.29 16.45
CA ASN B 151 19.10 6.49 16.03
C ASN B 151 19.67 7.80 16.55
N ASN B 152 18.77 8.71 16.92
CA ASN B 152 19.19 10.06 17.27
C ASN B 152 18.29 10.72 18.30
N ASP B 153 18.81 11.77 18.93
CA ASP B 153 17.99 12.62 19.81
C ASP B 153 16.87 13.26 19.03
N VAL B 154 15.74 13.46 19.71
CA VAL B 154 14.67 14.29 19.18
C VAL B 154 14.41 15.41 20.17
N VAL B 155 14.55 16.64 19.71
CA VAL B 155 14.33 17.80 20.56
C VAL B 155 12.95 18.39 20.29
N VAL B 156 12.23 18.66 21.37
CA VAL B 156 10.99 19.43 21.32
C VAL B 156 11.31 20.85 21.79
N PRO B 157 11.27 21.82 20.87
CA PRO B 157 11.57 23.20 21.27
C PRO B 157 10.67 23.71 22.39
N THR B 158 11.23 24.59 23.22
CA THR B 158 10.49 25.17 24.33
C THR B 158 10.31 26.67 24.09
C1 MMA C . -5.94 -20.84 -18.89
C2 MMA C . -5.51 -19.66 -19.75
C3 MMA C . -4.00 -19.53 -19.65
C4 MMA C . -3.63 -19.31 -18.20
C5 MMA C . -4.09 -20.51 -17.38
C6 MMA C . -3.68 -20.31 -15.92
C7 MMA C . -5.74 -23.16 -18.58
O1 MMA C . -5.32 -22.04 -19.37
O2 MMA C . -6.14 -18.48 -19.27
O3 MMA C . -3.59 -18.36 -20.40
O4 MMA C . -2.20 -19.20 -18.12
O5 MMA C . -5.53 -20.64 -17.50
O6 MMA C . -4.28 -19.11 -15.40
H1 MMA C . -7.02 -20.95 -18.94
H2 MMA C . -5.79 -19.84 -20.79
H3 MMA C . -3.51 -20.41 -20.04
H4 MMA C . -4.10 -18.40 -17.83
H5 MMA C . -3.62 -21.41 -17.76
H61 MMA C . -2.59 -20.23 -15.86
H62 MMA C . -4.01 -21.16 -15.33
H71 MMA C . -5.46 -23.00 -17.54
H72 MMA C . -5.27 -24.07 -18.95
H73 MMA C . -6.83 -23.26 -18.65
HO2 MMA C . -5.86 -17.71 -19.81
HO3 MMA C . -2.60 -18.24 -20.32
HO4 MMA C . -1.78 -20.04 -18.47
HO6 MMA C . -4.00 -18.98 -14.45
C1 MMA D . 5.17 -21.65 6.10
C2 MMA D . 4.76 -21.09 7.44
C3 MMA D . 3.28 -20.81 7.39
C4 MMA D . 2.99 -19.84 6.31
C5 MMA D . 3.45 -20.42 4.98
C6 MMA D . 3.12 -19.45 3.85
C7 MMA D . 4.30 -23.94 6.69
O1 MMA D . 4.41 -22.85 5.76
O2 MMA D . 5.56 -19.90 7.68
O3 MMA D . 2.90 -20.28 8.65
O4 MMA D . 1.58 -19.67 6.28
O5 MMA D . 4.89 -20.69 5.03
O6 MMA D . 3.79 -18.20 4.05
H1 MMA D . 6.23 -21.88 6.11
H2 MMA D . 4.96 -21.82 8.21
H3 MMA D . 2.74 -21.74 7.21
H4 MMA D . 3.50 -18.89 6.50
H5 MMA D . 2.93 -21.36 4.81
H61 MMA D . 2.05 -19.28 3.83
H62 MMA D . 3.44 -19.88 2.90
H71 MMA D . 5.30 -24.32 6.92
H72 MMA D . 3.70 -24.73 6.25
H73 MMA D . 3.83 -23.58 7.61
HO2 MMA D . 5.30 -19.51 8.56
HO3 MMA D . 1.92 -20.07 8.65
HO4 MMA D . 1.14 -20.56 6.12
HO6 MMA D . 3.56 -17.58 3.30
#